data_8UD0
#
_entry.id   8UD0
#
_cell.length_a   46.579
_cell.length_b   58.537
_cell.length_c   61.949
_cell.angle_alpha   90.000
_cell.angle_beta   90.000
_cell.angle_gamma   90.000
#
_symmetry.space_group_name_H-M   'P 21 21 21'
#
loop_
_entity.id
_entity.type
_entity.pdbx_description
1 polymer 'Chloroplastic import inner membrane translocase subunit HP30-1'
2 non-polymer '4-(2-HYDROXYETHYL)-1-PIPERAZINE ETHANESULFONIC ACID'
3 water water
#
_entity_poly.entity_id   1
_entity_poly.type   'polypeptide(L)'
_entity_poly.pdbx_seq_one_letter_code
;MGSSHHHHHHSSGLVPRGSTEDPFFTRGRTMLVKLGLEKYEKNFKKGLLTDPTLPLLTDSALKDANIPPEPRLMILDHIQ
RDPEIKGKRK
;
_entity_poly.pdbx_strand_id   A,B
#
# COMPACT_ATOMS: atom_id res chain seq x y z
N THR A 20 2.17 12.60 -11.68
CA THR A 20 2.59 12.37 -10.31
C THR A 20 1.69 11.33 -9.63
N GLU A 21 2.06 10.91 -8.43
CA GLU A 21 1.33 9.84 -7.75
C GLU A 21 -0.05 10.30 -7.31
N ASP A 22 -1.05 9.46 -7.56
CA ASP A 22 -2.42 9.69 -7.10
C ASP A 22 -2.97 8.40 -6.52
N PRO A 23 -4.13 8.43 -5.87
CA PRO A 23 -4.61 7.25 -5.12
C PRO A 23 -5.41 6.23 -5.91
N PHE A 24 -5.43 6.30 -7.25
CA PHE A 24 -6.27 5.38 -8.00
C PHE A 24 -5.44 4.30 -8.69
N PHE A 25 -5.78 3.94 -9.93
CA PHE A 25 -5.28 2.71 -10.51
C PHE A 25 -4.44 2.88 -11.77
N THR A 26 -4.15 4.11 -12.19
CA THR A 26 -3.54 4.31 -13.50
C THR A 26 -2.13 3.70 -13.56
N ARG A 27 -1.31 3.91 -12.53
CA ARG A 27 0.06 3.39 -12.59
C ARG A 27 0.08 1.87 -12.58
N GLY A 28 -0.79 1.25 -11.79
CA GLY A 28 -0.88 -0.20 -11.81
C GLY A 28 -1.28 -0.74 -13.17
N ARG A 29 -2.23 -0.07 -13.82
CA ARG A 29 -2.66 -0.51 -15.15
C ARG A 29 -1.52 -0.44 -16.16
N THR A 30 -0.77 0.66 -16.14
CA THR A 30 0.38 0.79 -17.05
C THR A 30 1.42 -0.29 -16.77
N MET A 31 1.63 -0.62 -15.49
CA MET A 31 2.56 -1.69 -15.15
CA MET A 31 2.56 -1.69 -15.15
C MET A 31 2.08 -3.03 -15.69
N LEU A 32 0.79 -3.33 -15.50
CA LEU A 32 0.26 -4.59 -16.00
C LEU A 32 0.37 -4.67 -17.51
N VAL A 33 0.05 -3.57 -18.19
CA VAL A 33 0.18 -3.54 -19.66
C VAL A 33 1.60 -3.86 -20.08
N LYS A 34 2.58 -3.19 -19.46
CA LYS A 34 3.98 -3.47 -19.77
C LYS A 34 4.31 -4.93 -19.54
N LEU A 35 3.93 -5.47 -18.39
CA LEU A 35 4.16 -6.87 -18.05
C LEU A 35 3.28 -7.83 -18.85
N GLY A 36 2.36 -7.31 -19.67
CA GLY A 36 1.45 -8.17 -20.41
C GLY A 36 0.48 -8.93 -19.54
N LEU A 37 -0.09 -8.28 -18.53
CA LEU A 37 -0.99 -8.95 -17.59
C LEU A 37 -2.21 -8.07 -17.32
N GLU A 38 -2.70 -7.39 -18.36
CA GLU A 38 -3.82 -6.47 -18.17
C GLU A 38 -5.08 -7.18 -17.71
N LYS A 39 -5.20 -8.49 -17.97
CA LYS A 39 -6.37 -9.24 -17.53
C LYS A 39 -6.58 -9.18 -16.03
N TYR A 40 -5.52 -8.91 -15.27
CA TYR A 40 -5.62 -8.88 -13.82
C TYR A 40 -5.86 -7.48 -13.26
N GLU A 41 -5.98 -6.46 -14.10
CA GLU A 41 -6.37 -5.14 -13.62
C GLU A 41 -7.69 -5.23 -12.85
N LYS A 42 -8.62 -6.05 -13.33
CA LYS A 42 -9.87 -6.26 -12.59
C LYS A 42 -9.59 -6.74 -11.17
N ASN A 43 -8.63 -7.65 -11.01
CA ASN A 43 -8.28 -8.15 -9.69
C ASN A 43 -7.72 -7.03 -8.81
N PHE A 44 -6.85 -6.18 -9.38
CA PHE A 44 -6.32 -5.05 -8.61
C PHE A 44 -7.45 -4.15 -8.11
N LYS A 45 -8.43 -3.88 -8.95
CA LYS A 45 -9.52 -2.98 -8.58
C LYS A 45 -10.37 -3.57 -7.47
N LYS A 46 -10.75 -4.85 -7.59
CA LYS A 46 -11.58 -5.48 -6.57
C LYS A 46 -10.82 -5.66 -5.26
N GLY A 47 -9.52 -5.92 -5.33
CA GLY A 47 -8.70 -6.04 -4.14
C GLY A 47 -8.17 -4.75 -3.58
N LEU A 48 -8.55 -3.60 -4.15
CA LEU A 48 -8.09 -2.30 -3.69
C LEU A 48 -6.57 -2.21 -3.66
N LEU A 49 -5.94 -2.77 -4.70
CA LEU A 49 -4.49 -2.61 -4.89
C LEU A 49 -4.27 -1.34 -5.71
N THR A 50 -4.47 -0.21 -5.05
CA THR A 50 -4.32 1.10 -5.68
C THR A 50 -2.85 1.42 -5.91
N ASP A 51 -2.61 2.49 -6.67
CA ASP A 51 -1.24 2.86 -6.98
C ASP A 51 -0.37 3.05 -5.75
N PRO A 52 -0.85 3.62 -4.64
CA PRO A 52 0.00 3.70 -3.44
C PRO A 52 0.46 2.35 -2.91
N THR A 53 -0.26 1.26 -3.19
CA THR A 53 0.15 -0.06 -2.71
C THR A 53 1.25 -0.69 -3.55
N LEU A 54 1.47 -0.22 -4.78
CA LEU A 54 2.39 -0.90 -5.68
C LEU A 54 3.74 -1.24 -5.07
N PRO A 55 4.51 -0.29 -4.52
CA PRO A 55 5.81 -0.65 -3.92
C PRO A 55 5.70 -1.56 -2.70
N LEU A 56 4.49 -1.72 -2.15
CA LEU A 56 4.26 -2.48 -0.94
C LEU A 56 3.65 -3.85 -1.22
N LEU A 57 3.39 -4.17 -2.49
CA LEU A 57 2.70 -5.40 -2.81
C LEU A 57 3.50 -6.62 -2.32
N THR A 58 2.76 -7.62 -1.85
CA THR A 58 3.33 -8.89 -1.41
C THR A 58 2.65 -10.02 -2.17
N ASP A 59 3.35 -11.16 -2.28
CA ASP A 59 2.73 -12.37 -2.82
C ASP A 59 1.39 -12.68 -2.16
N SER A 60 1.31 -12.56 -0.82
CA SER A 60 0.06 -12.85 -0.14
C SER A 60 -1.04 -11.86 -0.53
N ALA A 61 -0.69 -10.58 -0.65
CA ALA A 61 -1.67 -9.59 -1.08
C ALA A 61 -2.17 -9.91 -2.48
N LEU A 62 -1.26 -10.33 -3.37
CA LEU A 62 -1.66 -10.66 -4.73
C LEU A 62 -2.45 -11.96 -4.77
N LYS A 63 -2.02 -12.96 -4.00
CA LYS A 63 -2.79 -14.19 -3.89
C LYS A 63 -4.20 -13.90 -3.36
N ASP A 64 -4.30 -12.96 -2.42
CA ASP A 64 -5.61 -12.62 -1.86
C ASP A 64 -6.53 -12.00 -2.91
N ALA A 65 -5.96 -11.32 -3.91
CA ALA A 65 -6.72 -10.76 -5.02
C ALA A 65 -6.99 -11.79 -6.10
N ASN A 66 -6.66 -13.06 -5.85
CA ASN A 66 -7.00 -14.17 -6.73
C ASN A 66 -6.15 -14.20 -7.99
N ILE A 67 -4.90 -13.75 -7.90
CA ILE A 67 -3.97 -13.79 -9.02
C ILE A 67 -3.11 -15.05 -8.92
N PRO A 68 -3.00 -15.84 -9.99
CA PRO A 68 -2.32 -17.14 -9.89
C PRO A 68 -0.82 -16.97 -9.72
N PRO A 69 -0.11 -18.07 -9.46
CA PRO A 69 1.28 -17.94 -9.00
C PRO A 69 2.24 -17.28 -9.99
N GLU A 70 2.35 -17.79 -11.21
CA GLU A 70 3.35 -17.23 -12.11
C GLU A 70 3.07 -15.77 -12.42
N PRO A 71 1.84 -15.35 -12.69
CA PRO A 71 1.55 -13.91 -12.79
C PRO A 71 1.92 -13.13 -11.53
N ARG A 72 1.53 -13.64 -10.36
CA ARG A 72 1.90 -12.99 -9.10
C ARG A 72 3.40 -12.70 -9.07
N LEU A 73 4.22 -13.71 -9.38
CA LEU A 73 5.67 -13.59 -9.20
C LEU A 73 6.28 -12.64 -10.21
N MET A 74 5.71 -12.60 -11.42
CA MET A 74 6.10 -11.59 -12.40
C MET A 74 5.91 -10.18 -11.84
N ILE A 75 4.76 -9.93 -11.21
CA ILE A 75 4.46 -8.60 -10.68
C ILE A 75 5.37 -8.27 -9.51
N LEU A 76 5.54 -9.22 -8.58
CA LEU A 76 6.40 -8.98 -7.43
C LEU A 76 7.83 -8.69 -7.86
N ASP A 77 8.40 -9.56 -8.69
CA ASP A 77 9.76 -9.32 -9.20
C ASP A 77 9.89 -7.90 -9.73
N HIS A 78 8.85 -7.41 -10.39
CA HIS A 78 8.90 -6.08 -10.99
C HIS A 78 8.90 -4.99 -9.92
N ILE A 79 7.87 -4.99 -9.06
CA ILE A 79 7.75 -3.94 -8.05
C ILE A 79 8.86 -4.00 -7.02
N GLN A 80 9.49 -5.17 -6.83
CA GLN A 80 10.61 -5.25 -5.90
C GLN A 80 11.90 -4.70 -6.50
N ARG A 81 12.02 -4.74 -7.82
CA ARG A 81 13.23 -4.28 -8.52
C ARG A 81 12.79 -3.45 -9.73
N ASP A 82 12.55 -2.17 -9.50
CA ASP A 82 12.19 -1.24 -10.57
C ASP A 82 11.86 0.14 -9.99
N GLU B 21 -11.70 14.66 7.10
CA GLU B 21 -12.20 15.23 5.85
C GLU B 21 -11.77 14.42 4.64
N ASP B 22 -10.47 14.30 4.41
CA ASP B 22 -9.99 13.58 3.24
C ASP B 22 -10.42 12.11 3.33
N PRO B 23 -11.29 11.67 2.42
CA PRO B 23 -11.92 10.35 2.59
C PRO B 23 -10.99 9.18 2.30
N PHE B 24 -9.85 9.42 1.65
CA PHE B 24 -8.91 8.35 1.35
C PHE B 24 -8.00 8.01 2.53
N PHE B 25 -8.11 8.73 3.63
CA PHE B 25 -7.23 8.60 4.77
C PHE B 25 -7.97 8.36 6.07
N THR B 26 -9.30 8.20 6.01
CA THR B 26 -10.10 8.16 7.22
C THR B 26 -9.76 6.96 8.09
N ARG B 27 -9.57 5.78 7.49
CA ARG B 27 -9.27 4.60 8.29
C ARG B 27 -7.92 4.72 8.97
N GLY B 28 -6.93 5.25 8.26
CA GLY B 28 -5.63 5.50 8.88
C GLY B 28 -5.71 6.53 9.99
N ARG B 29 -6.48 7.59 9.78
CA ARG B 29 -6.67 8.58 10.84
C ARG B 29 -7.29 7.94 12.08
N THR B 30 -8.28 7.08 11.89
CA THR B 30 -8.87 6.38 13.02
C THR B 30 -7.84 5.55 13.78
N MET B 31 -7.02 4.79 13.04
CA MET B 31 -6.01 3.96 13.69
C MET B 31 -4.98 4.81 14.40
N LEU B 32 -4.53 5.90 13.77
CA LEU B 32 -3.55 6.77 14.42
C LEU B 32 -4.11 7.35 15.70
N VAL B 33 -5.38 7.76 15.71
CA VAL B 33 -5.99 8.27 16.94
C VAL B 33 -5.96 7.21 18.02
N LYS B 34 -6.40 5.99 17.68
CA LYS B 34 -6.42 4.92 18.67
C LYS B 34 -5.05 4.64 19.24
N LEU B 35 -3.99 4.86 18.44
CA LEU B 35 -2.62 4.65 18.89
C LEU B 35 -2.04 5.86 19.60
N GLY B 36 -2.77 6.97 19.67
CA GLY B 36 -2.24 8.19 20.23
C GLY B 36 -1.24 8.89 19.35
N LEU B 37 -1.31 8.68 18.03
CA LEU B 37 -0.31 9.18 17.09
C LEU B 37 -0.93 10.12 16.06
N GLU B 38 -1.95 10.87 16.44
CA GLU B 38 -2.63 11.72 15.46
C GLU B 38 -1.67 12.70 14.81
N LYS B 39 -0.59 13.06 15.50
CA LYS B 39 0.33 14.05 14.95
C LYS B 39 0.98 13.59 13.66
N TYR B 40 0.91 12.30 13.35
CA TYR B 40 1.51 11.77 12.14
C TYR B 40 0.51 11.56 11.02
N GLU B 41 -0.73 12.00 11.20
CA GLU B 41 -1.69 11.96 10.09
C GLU B 41 -1.20 12.78 8.91
N LYS B 42 -0.63 13.96 9.18
CA LYS B 42 -0.13 14.77 8.09
C LYS B 42 0.96 14.04 7.32
N ASN B 43 1.77 13.24 8.03
CA ASN B 43 2.80 12.45 7.36
C ASN B 43 2.18 11.42 6.42
N PHE B 44 1.12 10.74 6.86
CA PHE B 44 0.45 9.77 6.01
C PHE B 44 -0.06 10.42 4.74
N LYS B 45 -0.69 11.59 4.87
CA LYS B 45 -1.26 12.25 3.70
C LYS B 45 -0.16 12.76 2.77
N LYS B 46 0.90 13.34 3.33
CA LYS B 46 2.00 13.82 2.49
C LYS B 46 2.69 12.68 1.75
N GLY B 47 2.76 11.50 2.37
CA GLY B 47 3.33 10.33 1.73
C GLY B 47 2.34 9.49 0.96
N LEU B 48 1.08 9.94 0.85
CA LEU B 48 0.05 9.20 0.11
C LEU B 48 -0.10 7.79 0.64
N LEU B 49 -0.04 7.65 1.97
CA LEU B 49 -0.29 6.36 2.63
C LEU B 49 -1.79 6.23 2.85
N THR B 50 -2.50 6.00 1.75
CA THR B 50 -3.95 5.90 1.74
C THR B 50 -4.39 4.61 2.44
N ASP B 51 -5.68 4.55 2.76
CA ASP B 51 -6.20 3.42 3.53
C ASP B 51 -5.87 2.06 2.92
N PRO B 52 -5.88 1.87 1.60
CA PRO B 52 -5.47 0.55 1.06
C PRO B 52 -4.04 0.16 1.40
N THR B 53 -3.15 1.11 1.73
CA THR B 53 -1.80 0.74 2.11
C THR B 53 -1.69 0.19 3.53
N LEU B 54 -2.68 0.44 4.40
CA LEU B 54 -2.53 0.12 5.82
C LEU B 54 -2.08 -1.30 6.08
N PRO B 55 -2.75 -2.35 5.57
CA PRO B 55 -2.29 -3.72 5.85
C PRO B 55 -0.91 -4.02 5.29
N LEU B 56 -0.39 -3.18 4.41
CA LEU B 56 0.85 -3.44 3.68
C LEU B 56 2.01 -2.57 4.17
N LEU B 57 1.80 -1.75 5.19
CA LEU B 57 2.82 -0.79 5.63
C LEU B 57 4.09 -1.51 6.06
N THR B 58 5.22 -0.91 5.72
CA THR B 58 6.53 -1.45 6.09
C THR B 58 7.31 -0.40 6.86
N ASP B 59 8.36 -0.86 7.53
CA ASP B 59 9.29 0.05 8.19
C ASP B 59 9.82 1.09 7.21
N SER B 60 10.21 0.65 6.01
CA SER B 60 10.76 1.57 5.03
C SER B 60 9.72 2.61 4.59
N ALA B 61 8.49 2.16 4.33
CA ALA B 61 7.45 3.08 3.90
C ALA B 61 7.20 4.14 4.96
N LEU B 62 7.22 3.76 6.24
CA LEU B 62 6.97 4.71 7.30
C LEU B 62 8.17 5.63 7.52
N LYS B 63 9.39 5.08 7.43
N LYS B 63 9.38 5.08 7.44
CA LYS B 63 10.57 5.93 7.55
CA LYS B 63 10.58 5.90 7.54
C LYS B 63 10.62 6.95 6.42
C LYS B 63 10.62 6.94 6.43
N ASP B 64 10.18 6.56 5.23
CA ASP B 64 10.15 7.49 4.10
C ASP B 64 9.12 8.59 4.31
N ALA B 65 8.14 8.39 5.18
CA ALA B 65 7.19 9.42 5.56
C ALA B 65 7.62 10.20 6.79
N ASN B 66 8.86 10.00 7.24
CA ASN B 66 9.46 10.79 8.32
C ASN B 66 8.79 10.55 9.67
N ILE B 67 8.38 9.32 9.92
CA ILE B 67 7.82 8.89 11.20
C ILE B 67 8.93 8.20 11.99
N PRO B 68 9.20 8.61 13.22
CA PRO B 68 10.39 8.12 13.93
C PRO B 68 10.18 6.72 14.48
N PRO B 69 11.22 6.14 15.09
CA PRO B 69 11.21 4.68 15.33
C PRO B 69 10.12 4.19 16.26
N GLU B 70 9.90 4.82 17.42
CA GLU B 70 8.87 4.32 18.32
C GLU B 70 7.49 4.32 17.67
N PRO B 71 7.05 5.41 17.03
CA PRO B 71 5.76 5.35 16.29
C PRO B 71 5.74 4.29 15.20
N ARG B 72 6.85 4.11 14.47
CA ARG B 72 6.91 3.07 13.46
C ARG B 72 6.64 1.69 14.08
N LEU B 73 7.30 1.41 15.19
CA LEU B 73 7.07 0.15 15.91
C LEU B 73 5.59 0.01 16.29
N MET B 74 5.02 1.08 16.83
CA MET B 74 3.63 1.05 17.28
C MET B 74 2.68 0.76 16.13
N ILE B 75 2.90 1.41 14.98
CA ILE B 75 2.02 1.24 13.84
C ILE B 75 2.17 -0.16 13.24
N LEU B 76 3.41 -0.60 13.07
CA LEU B 76 3.66 -1.91 12.50
C LEU B 76 3.12 -3.02 13.39
N ASP B 77 3.34 -2.92 14.70
CA ASP B 77 2.82 -3.94 15.60
C ASP B 77 1.29 -3.97 15.57
N HIS B 78 0.65 -2.81 15.51
CA HIS B 78 -0.81 -2.77 15.48
C HIS B 78 -1.35 -3.48 14.24
N ILE B 79 -0.70 -3.28 13.09
CA ILE B 79 -1.18 -3.89 11.85
C ILE B 79 -0.98 -5.41 11.89
N GLN B 80 0.14 -5.87 12.46
CA GLN B 80 0.42 -7.29 12.51
C GLN B 80 -0.43 -8.03 13.54
N ARG B 81 -0.83 -7.34 14.61
CA ARG B 81 -1.63 -7.95 15.67
C ARG B 81 -3.13 -7.84 15.44
N ASP B 82 -3.56 -6.92 14.59
CA ASP B 82 -4.99 -6.75 14.34
C ASP B 82 -5.47 -7.72 13.26
#